data_5QI6
#
_entry.id   5QI6
#
_cell.length_a   34.541
_cell.length_b   41.544
_cell.length_c   111.064
_cell.angle_alpha   90.000
_cell.angle_beta   90.000
_cell.angle_gamma   90.000
#
_symmetry.space_group_name_H-M   'P 21 21 21'
#
loop_
_entity.id
_entity.type
_entity.pdbx_description
1 polymer 'Poly [ADP-ribose] polymerase 14'
2 non-polymer 'CHLORIDE ION'
3 non-polymer 'DIMETHYL SULFOXIDE'
4 non-polymer 4-[(5-methyl[1,2,4]triazolo[1,5-a]pyrimidin-7-yl)amino]phenol
5 water water
#
_entity_poly.entity_id   1
_entity_poly.type   'polypeptide(L)'
_entity_poly.pdbx_seq_one_letter_code
;SMFYGTVSSPDSGVYEMKIGSIIFQVASGDITKEEADVIVNSTSNSFNLKAGVSKAILECAGQNVERECSQQAQQRKNDY
IITGGGFLRCKNIIHVIGGNDVKSSVSSVLQECEKKNYSSICLPAIGTGNAKQHPDKVAEAIIDAIEDFVQKGSAQSVKK
VKVVIFLPQVLDVFYANMKKREG
;
_entity_poly.pdbx_strand_id   A
#
# COMPACT_ATOMS: atom_id res chain seq x y z
N MET A 2 11.45 -10.36 18.50
CA MET A 2 10.12 -10.49 19.14
C MET A 2 9.02 -10.76 18.11
N PHE A 3 9.15 -10.15 16.94
CA PHE A 3 8.16 -10.27 15.87
C PHE A 3 8.65 -10.85 14.54
N TYR A 4 9.92 -10.63 14.19
CA TYR A 4 10.43 -10.96 12.82
C TYR A 4 10.93 -12.38 12.58
N GLY A 5 10.44 -12.96 11.48
CA GLY A 5 10.94 -14.24 10.97
C GLY A 5 12.17 -14.07 10.08
N THR A 6 12.30 -14.98 9.12
CA THR A 6 13.50 -15.12 8.28
C THR A 6 13.18 -14.66 6.85
N VAL A 7 14.11 -13.95 6.21
CA VAL A 7 13.93 -13.53 4.82
C VAL A 7 14.27 -14.70 3.89
N SER A 8 13.36 -15.01 2.97
CA SER A 8 13.60 -16.01 1.90
C SER A 8 12.94 -15.58 0.60
N SER A 9 13.18 -16.34 -0.46
CA SER A 9 12.64 -16.02 -1.79
C SER A 9 11.76 -17.18 -2.31
N PRO A 10 10.42 -17.02 -2.23
CA PRO A 10 9.51 -18.11 -2.67
C PRO A 10 9.40 -18.25 -4.20
N ASP A 11 9.68 -17.16 -4.91
CA ASP A 11 9.71 -17.12 -6.38
C ASP A 11 10.77 -16.09 -6.81
N SER A 12 11.26 -16.19 -8.05
CA SER A 12 12.36 -15.34 -8.53
C SER A 12 12.00 -13.85 -8.41
N GLY A 13 12.87 -13.08 -7.77
CA GLY A 13 12.65 -11.65 -7.54
C GLY A 13 11.64 -11.27 -6.45
N VAL A 14 11.07 -12.25 -5.75
CA VAL A 14 10.11 -12.01 -4.67
C VAL A 14 10.80 -12.40 -3.36
N TYR A 15 10.67 -11.53 -2.35
CA TYR A 15 11.30 -11.76 -1.03
C TYR A 15 10.23 -11.62 0.04
N GLU A 16 10.28 -12.48 1.04
CA GLU A 16 9.25 -12.48 2.08
C GLU A 16 9.81 -12.77 3.46
N MET A 17 9.08 -12.31 4.48
CA MET A 17 9.37 -12.66 5.87
C MET A 17 8.10 -12.51 6.70
N LYS A 18 8.00 -13.28 7.79
CA LYS A 18 6.89 -13.09 8.73
C LYS A 18 7.14 -11.89 9.65
N ILE A 19 6.06 -11.14 9.90
CA ILE A 19 6.01 -10.10 10.93
C ILE A 19 4.79 -10.47 11.80
N GLY A 20 5.05 -11.11 12.95
CA GLY A 20 3.99 -11.77 13.72
C GLY A 20 3.34 -12.81 12.82
N SER A 21 2.01 -12.76 12.74
CA SER A 21 1.26 -13.68 11.90
C SER A 21 1.20 -13.27 10.41
N ILE A 22 1.59 -12.04 10.06
CA ILE A 22 1.46 -11.51 8.68
C ILE A 22 2.66 -11.92 7.79
N ILE A 23 2.38 -12.34 6.56
CA ILE A 23 3.43 -12.54 5.57
C ILE A 23 3.66 -11.19 4.85
N PHE A 24 4.87 -10.62 5.00
CA PHE A 24 5.27 -9.39 4.31
C PHE A 24 6.13 -9.74 3.11
N GLN A 25 5.75 -9.26 1.92
CA GLN A 25 6.46 -9.59 0.67
C GLN A 25 6.80 -8.32 -0.11
N VAL A 26 7.91 -8.37 -0.85
CA VAL A 26 8.29 -7.31 -1.76
C VAL A 26 8.72 -7.89 -3.12
N ALA A 27 8.44 -7.12 -4.18
CA ALA A 27 8.84 -7.50 -5.55
C ALA A 27 8.80 -6.25 -6.44
N SER A 28 9.54 -6.29 -7.55
N SER A 28 9.53 -6.27 -7.55
N SER A 28 9.52 -6.29 -7.57
CA SER A 28 9.47 -5.26 -8.58
CA SER A 28 9.44 -5.20 -8.55
CA SER A 28 9.45 -5.22 -8.56
C SER A 28 8.38 -5.64 -9.58
C SER A 28 8.48 -5.62 -9.65
C SER A 28 8.49 -5.62 -9.68
N GLY A 29 7.74 -4.65 -10.21
CA GLY A 29 6.73 -4.91 -11.26
C GLY A 29 5.66 -3.87 -11.42
N ASP A 30 4.61 -4.25 -12.15
CA ASP A 30 3.45 -3.41 -12.43
C ASP A 30 2.31 -3.75 -11.45
N ILE A 31 2.06 -2.84 -10.51
CA ILE A 31 1.02 -3.04 -9.48
C ILE A 31 -0.39 -3.22 -10.08
N THR A 32 -0.64 -2.69 -11.27
CA THR A 32 -1.98 -2.81 -11.88
C THR A 32 -2.33 -4.24 -12.37
N LYS A 33 -1.35 -5.15 -12.39
CA LYS A 33 -1.60 -6.55 -12.74
C LYS A 33 -1.84 -7.44 -11.51
N GLU A 34 -1.74 -6.87 -10.31
CA GLU A 34 -1.88 -7.64 -9.07
C GLU A 34 -3.35 -7.89 -8.70
N GLU A 35 -3.58 -9.00 -7.97
CA GLU A 35 -4.87 -9.28 -7.36
C GLU A 35 -4.73 -9.23 -5.83
N ALA A 36 -5.63 -8.52 -5.16
CA ALA A 36 -5.64 -8.43 -3.69
C ALA A 36 -6.98 -7.89 -3.26
N ASP A 37 -7.36 -8.06 -1.98
CA ASP A 37 -8.59 -7.43 -1.52
C ASP A 37 -8.55 -5.90 -1.67
N VAL A 38 -7.43 -5.29 -1.27
CA VAL A 38 -7.19 -3.84 -1.46
C VAL A 38 -5.89 -3.59 -2.22
N ILE A 39 -5.96 -2.68 -3.20
CA ILE A 39 -4.79 -2.06 -3.84
C ILE A 39 -4.71 -0.60 -3.38
N VAL A 40 -3.51 -0.14 -3.00
CA VAL A 40 -3.30 1.25 -2.55
C VAL A 40 -2.76 2.11 -3.70
N ASN A 41 -3.33 3.31 -3.84
CA ASN A 41 -2.85 4.35 -4.79
C ASN A 41 -2.17 5.46 -3.98
N SER A 42 -1.01 5.93 -4.44
CA SER A 42 -0.29 7.07 -3.82
C SER A 42 -0.49 8.30 -4.71
N THR A 43 -1.27 9.27 -4.24
CA THR A 43 -1.76 10.37 -5.09
C THR A 43 -1.56 11.73 -4.39
N SER A 44 -2.13 12.77 -4.99
CA SER A 44 -2.11 14.14 -4.46
C SER A 44 -3.28 14.37 -3.49
N ASN A 45 -3.29 15.53 -2.82
CA ASN A 45 -4.32 15.86 -1.83
C ASN A 45 -5.67 16.19 -2.48
N SER A 46 -5.68 16.35 -3.79
CA SER A 46 -6.92 16.48 -4.56
C SER A 46 -7.45 15.15 -5.12
N PHE A 47 -6.69 14.07 -4.93
CA PHE A 47 -7.08 12.71 -5.41
C PHE A 47 -7.34 12.58 -6.93
N ASN A 48 -6.65 13.42 -7.72
CA ASN A 48 -6.81 13.44 -9.18
C ASN A 48 -5.48 13.51 -9.93
N LEU A 49 -4.39 13.06 -9.31
CA LEU A 49 -3.08 13.04 -9.96
C LEU A 49 -3.06 11.88 -10.95
N LYS A 50 -2.42 12.09 -12.09
N LYS A 50 -2.42 12.09 -12.09
N LYS A 50 -2.37 12.08 -12.07
CA LYS A 50 -2.26 11.06 -13.13
CA LYS A 50 -2.26 11.06 -13.13
CA LYS A 50 -2.27 11.07 -13.11
C LYS A 50 -0.83 11.08 -13.63
C LYS A 50 -0.83 11.08 -13.63
C LYS A 50 -0.83 11.06 -13.63
N ALA A 51 0.10 10.79 -12.72
CA ALA A 51 1.54 10.77 -13.02
C ALA A 51 2.15 9.60 -12.26
N GLY A 52 3.03 8.88 -12.94
CA GLY A 52 3.70 7.73 -12.35
C GLY A 52 2.71 6.64 -12.00
N VAL A 53 2.83 6.06 -10.80
CA VAL A 53 1.97 4.93 -10.43
C VAL A 53 0.49 5.36 -10.43
N SER A 54 0.19 6.60 -9.99
CA SER A 54 -1.20 7.09 -10.03
C SER A 54 -1.80 7.12 -11.45
N LYS A 55 -0.98 7.42 -12.47
CA LYS A 55 -1.44 7.37 -13.88
C LYS A 55 -1.93 5.97 -14.23
N ALA A 56 -1.09 4.98 -13.94
CA ALA A 56 -1.42 3.57 -14.22
C ALA A 56 -2.68 3.09 -13.50
N ILE A 57 -2.77 3.42 -12.21
CA ILE A 57 -3.92 3.02 -11.40
C ILE A 57 -5.22 3.65 -11.91
N LEU A 58 -5.24 4.97 -12.13
CA LEU A 58 -6.49 5.60 -12.62
C LEU A 58 -6.88 5.19 -14.06
N GLU A 59 -5.90 5.04 -14.94
CA GLU A 59 -6.17 4.57 -16.31
C GLU A 59 -6.79 3.16 -16.35
N CYS A 60 -6.21 2.25 -15.58
N CYS A 60 -6.22 2.24 -15.57
N CYS A 60 -6.22 2.24 -15.57
CA CYS A 60 -6.68 0.85 -15.51
CA CYS A 60 -6.70 0.86 -15.52
CA CYS A 60 -6.70 0.86 -15.52
C CYS A 60 -8.00 0.72 -14.74
C CYS A 60 -7.98 0.70 -14.71
C CYS A 60 -7.98 0.70 -14.71
N ALA A 61 -8.15 1.48 -13.65
CA ALA A 61 -9.40 1.44 -12.81
C ALA A 61 -10.63 1.97 -13.55
N GLY A 62 -10.45 3.06 -14.29
CA GLY A 62 -11.47 3.61 -15.19
C GLY A 62 -12.13 4.86 -14.67
N GLN A 63 -12.97 5.44 -15.53
CA GLN A 63 -13.55 6.76 -15.30
C GLN A 63 -14.56 6.83 -14.15
N ASN A 64 -15.26 5.73 -13.87
CA ASN A 64 -16.16 5.68 -12.71
C ASN A 64 -15.40 5.86 -11.38
N VAL A 65 -14.24 5.20 -11.26
CA VAL A 65 -13.37 5.41 -10.10
C VAL A 65 -12.82 6.85 -10.02
N GLU A 66 -12.40 7.41 -11.17
CA GLU A 66 -12.01 8.83 -11.22
C GLU A 66 -13.14 9.72 -10.72
N ARG A 67 -14.36 9.44 -11.20
CA ARG A 67 -15.57 10.16 -10.76
C ARG A 67 -15.84 10.06 -9.25
N GLU A 68 -15.67 8.86 -8.69
N GLU A 68 -15.70 8.85 -8.70
N GLU A 68 -15.67 8.86 -8.69
CA GLU A 68 -15.84 8.65 -7.25
CA GLU A 68 -15.80 8.61 -7.26
CA GLU A 68 -15.84 8.65 -7.25
C GLU A 68 -14.81 9.43 -6.43
C GLU A 68 -14.82 9.46 -6.45
C GLU A 68 -14.81 9.43 -6.43
N CYS A 69 -13.58 9.53 -6.92
CA CYS A 69 -12.51 10.31 -6.26
C CYS A 69 -12.77 11.83 -6.15
N SER A 70 -13.18 12.45 -7.25
CA SER A 70 -13.43 13.89 -7.29
C SER A 70 -14.66 14.28 -6.48
N GLN A 71 -15.66 13.40 -6.49
CA GLN A 71 -16.89 13.63 -5.74
C GLN A 71 -16.65 13.64 -4.22
N GLN A 72 -15.89 12.66 -3.74
CA GLN A 72 -15.51 12.59 -2.31
C GLN A 72 -14.56 13.73 -1.89
N ALA A 73 -13.65 14.13 -2.80
CA ALA A 73 -12.74 15.25 -2.56
C ALA A 73 -13.45 16.59 -2.32
N GLN A 74 -14.55 16.84 -3.03
CA GLN A 74 -15.35 18.07 -2.85
C GLN A 74 -16.32 18.02 -1.65
N GLN A 75 -16.68 16.81 -1.20
CA GLN A 75 -17.59 16.62 -0.05
C GLN A 75 -17.00 17.04 1.30
N ARG A 76 -15.72 16.74 1.52
CA ARG A 76 -15.04 17.03 2.79
C ARG A 76 -13.53 17.03 2.60
N LYS A 77 -12.79 17.48 3.62
CA LYS A 77 -11.33 17.30 3.66
C LYS A 77 -11.05 15.86 4.10
N ASN A 78 -10.26 15.13 3.30
CA ASN A 78 -9.94 13.72 3.53
C ASN A 78 -8.43 13.52 3.62
N ASP A 79 -7.96 12.74 4.61
CA ASP A 79 -6.57 12.26 4.64
C ASP A 79 -6.35 11.12 3.63
N TYR A 80 -7.40 10.37 3.32
CA TYR A 80 -7.40 9.28 2.32
C TYR A 80 -8.86 9.02 1.96
N ILE A 81 -9.11 8.36 0.83
N ILE A 81 -9.06 8.33 0.83
N ILE A 81 -9.11 8.36 0.83
CA ILE A 81 -10.47 7.94 0.50
CA ILE A 81 -10.39 8.03 0.26
CA ILE A 81 -10.47 7.94 0.49
C ILE A 81 -10.48 6.48 0.06
C ILE A 81 -10.51 6.56 -0.17
C ILE A 81 -10.48 6.48 0.06
N ILE A 82 -11.66 5.89 0.15
N ILE A 82 -11.64 5.91 0.13
N ILE A 82 -11.66 5.90 0.13
CA ILE A 82 -11.90 4.52 -0.28
CA ILE A 82 -11.89 4.54 -0.27
CA ILE A 82 -11.89 4.52 -0.27
C ILE A 82 -12.88 4.55 -1.45
C ILE A 82 -12.90 4.51 -1.42
C ILE A 82 -12.90 4.51 -1.42
N THR A 83 -12.54 3.86 -2.53
CA THR A 83 -13.43 3.73 -3.71
C THR A 83 -13.57 2.25 -4.07
N GLY A 84 -14.45 1.96 -5.03
CA GLY A 84 -14.48 0.67 -5.66
C GLY A 84 -13.20 0.39 -6.44
N GLY A 85 -13.05 -0.85 -6.89
CA GLY A 85 -11.89 -1.30 -7.62
C GLY A 85 -11.93 -1.05 -9.12
N GLY A 86 -13.10 -0.68 -9.65
CA GLY A 86 -13.25 -0.49 -11.09
C GLY A 86 -12.82 -1.72 -11.84
N PHE A 87 -11.97 -1.55 -12.85
CA PHE A 87 -11.43 -2.66 -13.62
C PHE A 87 -10.07 -3.20 -13.12
N LEU A 88 -9.64 -2.80 -11.92
CA LEU A 88 -8.54 -3.50 -11.25
C LEU A 88 -9.04 -4.77 -10.56
N ARG A 89 -8.12 -5.69 -10.29
CA ARG A 89 -8.45 -6.96 -9.63
C ARG A 89 -8.41 -6.86 -8.10
N CYS A 90 -9.36 -6.09 -7.58
CA CYS A 90 -9.46 -5.86 -6.14
C CYS A 90 -10.89 -5.52 -5.77
N LYS A 91 -11.19 -5.58 -4.47
CA LYS A 91 -12.52 -5.22 -3.95
C LYS A 91 -12.64 -3.71 -3.70
N ASN A 92 -11.57 -3.07 -3.23
CA ASN A 92 -11.52 -1.60 -3.05
C ASN A 92 -10.12 -1.08 -3.37
N ILE A 93 -10.05 0.19 -3.79
CA ILE A 93 -8.81 0.97 -3.84
C ILE A 93 -8.83 1.95 -2.67
N ILE A 94 -7.73 2.00 -1.91
CA ILE A 94 -7.55 3.07 -0.91
C ILE A 94 -6.50 4.04 -1.47
N HIS A 95 -6.93 5.30 -1.66
CA HIS A 95 -6.09 6.35 -2.24
C HIS A 95 -5.53 7.18 -1.08
N VAL A 96 -4.22 7.09 -0.87
CA VAL A 96 -3.52 7.83 0.20
C VAL A 96 -2.72 8.98 -0.46
N ILE A 97 -2.38 9.99 0.34
CA ILE A 97 -1.65 11.18 -0.14
C ILE A 97 -0.14 10.91 -0.01
N GLY A 98 0.56 10.88 -1.14
CA GLY A 98 1.99 10.54 -1.18
C GLY A 98 2.88 11.41 -0.31
N GLY A 99 2.53 12.70 -0.14
CA GLY A 99 3.28 13.63 0.72
C GLY A 99 3.04 13.50 2.22
N ASN A 100 1.99 12.77 2.62
CA ASN A 100 1.69 12.60 4.05
C ASN A 100 2.66 11.63 4.74
N ASP A 101 2.66 11.67 6.06
CA ASP A 101 3.40 10.72 6.86
C ASP A 101 3.08 9.26 6.45
N VAL A 102 4.09 8.51 6.00
CA VAL A 102 3.86 7.19 5.42
C VAL A 102 3.43 6.17 6.48
N LYS A 103 4.02 6.23 7.68
CA LYS A 103 3.60 5.31 8.76
C LYS A 103 2.10 5.49 9.08
N SER A 104 1.66 6.74 9.19
N SER A 104 1.65 6.73 9.20
N SER A 104 1.66 6.74 9.19
CA SER A 104 0.24 7.06 9.43
CA SER A 104 0.24 7.03 9.44
CA SER A 104 0.24 7.06 9.43
C SER A 104 -0.67 6.53 8.33
C SER A 104 -0.68 6.51 8.33
C SER A 104 -0.67 6.53 8.33
N SER A 105 -0.28 6.73 7.07
CA SER A 105 -1.06 6.24 5.90
C SER A 105 -1.20 4.71 5.89
N VAL A 106 -0.11 4.00 6.14
CA VAL A 106 -0.14 2.54 6.19
C VAL A 106 -0.99 2.02 7.38
N SER A 107 -0.86 2.66 8.55
CA SER A 107 -1.69 2.33 9.71
C SER A 107 -3.18 2.45 9.40
N SER A 108 -3.56 3.51 8.68
CA SER A 108 -4.97 3.72 8.25
C SER A 108 -5.44 2.63 7.27
N VAL A 109 -4.60 2.27 6.31
CA VAL A 109 -4.92 1.18 5.37
C VAL A 109 -5.17 -0.15 6.14
N LEU A 110 -4.28 -0.50 7.06
CA LEU A 110 -4.43 -1.74 7.84
C LEU A 110 -5.76 -1.75 8.65
N GLN A 111 -6.08 -0.64 9.30
CA GLN A 111 -7.29 -0.53 10.11
C GLN A 111 -8.58 -0.63 9.27
N GLU A 112 -8.57 0.00 8.08
CA GLU A 112 -9.72 -0.09 7.15
C GLU A 112 -9.90 -1.51 6.58
N CYS A 113 -8.79 -2.20 6.33
CA CYS A 113 -8.86 -3.60 5.88
C CYS A 113 -9.42 -4.54 6.96
N GLU A 114 -9.03 -4.36 8.22
CA GLU A 114 -9.65 -5.10 9.34
C GLU A 114 -11.16 -4.84 9.47
N LYS A 115 -11.58 -3.58 9.31
N LYS A 115 -11.58 -3.59 9.30
N LYS A 115 -11.58 -3.59 9.30
CA LYS A 115 -13.00 -3.22 9.36
CA LYS A 115 -12.99 -3.21 9.35
CA LYS A 115 -12.99 -3.21 9.35
C LYS A 115 -13.82 -3.98 8.32
C LYS A 115 -13.85 -3.93 8.30
C LYS A 115 -13.85 -3.93 8.30
N LYS A 116 -13.24 -4.26 7.15
CA LYS A 116 -13.93 -5.04 6.08
C LYS A 116 -13.65 -6.57 6.13
N ASN A 117 -12.92 -7.06 7.15
CA ASN A 117 -12.52 -8.47 7.23
C ASN A 117 -11.71 -8.96 6.01
N TYR A 118 -10.90 -8.07 5.43
CA TYR A 118 -10.03 -8.42 4.31
C TYR A 118 -8.73 -9.09 4.75
N SER A 119 -8.20 -9.93 3.86
CA SER A 119 -6.98 -10.70 4.13
C SER A 119 -5.72 -10.24 3.41
N SER A 120 -5.82 -9.63 2.23
CA SER A 120 -4.64 -9.28 1.42
C SER A 120 -4.65 -7.80 0.97
N ILE A 121 -3.44 -7.23 0.97
CA ILE A 121 -3.20 -5.83 0.60
C ILE A 121 -2.00 -5.80 -0.35
N CYS A 122 -2.09 -4.94 -1.38
N CYS A 122 -2.06 -4.96 -1.38
N CYS A 122 -2.09 -4.94 -1.38
CA CYS A 122 -0.97 -4.62 -2.26
CA CYS A 122 -0.90 -4.67 -2.22
CA CYS A 122 -0.97 -4.62 -2.26
C CYS A 122 -0.77 -3.12 -2.27
C CYS A 122 -0.75 -3.16 -2.35
C CYS A 122 -0.77 -3.12 -2.27
N LEU A 123 0.46 -2.66 -2.11
CA LEU A 123 0.76 -1.20 -2.12
C LEU A 123 2.04 -0.92 -2.90
N PRO A 124 2.19 0.32 -3.41
CA PRO A 124 3.44 0.77 -4.02
C PRO A 124 4.39 1.28 -2.92
N ALA A 125 5.60 1.71 -3.31
CA ALA A 125 6.50 2.42 -2.39
C ALA A 125 5.99 3.86 -2.19
N ILE A 126 4.96 3.97 -1.35
CA ILE A 126 4.18 5.21 -1.13
C ILE A 126 5.12 6.41 -0.89
N GLY A 127 4.92 7.50 -1.64
CA GLY A 127 5.68 8.73 -1.45
C GLY A 127 6.94 8.88 -2.28
N THR A 128 7.38 7.82 -2.97
CA THR A 128 8.63 7.90 -3.75
C THR A 128 8.44 8.42 -5.19
N GLY A 129 7.19 8.68 -5.59
CA GLY A 129 6.83 9.27 -6.89
C GLY A 129 6.91 10.80 -6.87
N ASN A 130 5.82 11.46 -7.25
CA ASN A 130 5.78 12.93 -7.31
C ASN A 130 6.12 13.61 -5.97
N ALA A 131 5.77 12.97 -4.86
CA ALA A 131 6.09 13.51 -3.50
C ALA A 131 7.60 13.52 -3.16
N LYS A 132 8.40 12.69 -3.84
CA LYS A 132 9.86 12.68 -3.69
C LYS A 132 10.32 12.53 -2.22
N GLN A 133 9.66 11.63 -1.47
CA GLN A 133 10.19 11.15 -0.19
C GLN A 133 11.30 10.13 -0.46
N HIS A 134 12.27 10.06 0.45
CA HIS A 134 13.44 9.20 0.25
C HIS A 134 13.10 7.71 0.44
N PRO A 135 13.52 6.84 -0.50
CA PRO A 135 13.21 5.41 -0.38
C PRO A 135 13.55 4.72 0.95
N ASP A 136 14.69 5.04 1.56
N ASP A 136 14.69 5.05 1.55
N ASP A 136 14.69 5.04 1.56
CA ASP A 136 15.09 4.40 2.83
CA ASP A 136 15.11 4.45 2.82
CA ASP A 136 15.09 4.40 2.83
C ASP A 136 14.16 4.77 4.00
C ASP A 136 14.11 4.76 3.95
C ASP A 136 14.16 4.77 4.00
N LYS A 137 13.71 6.02 4.04
CA LYS A 137 12.70 6.44 5.06
C LYS A 137 11.32 5.82 4.79
N VAL A 138 10.95 5.68 3.51
CA VAL A 138 9.65 5.08 3.13
C VAL A 138 9.60 3.59 3.54
N ALA A 139 10.66 2.83 3.24
CA ALA A 139 10.74 1.41 3.65
C ALA A 139 10.65 1.27 5.17
N GLU A 140 11.40 2.09 5.92
CA GLU A 140 11.40 2.04 7.39
C GLU A 140 9.98 2.31 7.94
N ALA A 141 9.29 3.29 7.35
CA ALA A 141 7.94 3.68 7.78
C ALA A 141 6.89 2.59 7.51
N ILE A 142 6.94 1.99 6.31
CA ILE A 142 5.98 0.92 5.95
C ILE A 142 6.11 -0.25 6.93
N ILE A 143 7.35 -0.69 7.15
CA ILE A 143 7.57 -1.88 8.00
C ILE A 143 7.26 -1.51 9.48
N ASP A 144 7.64 -0.31 9.92
CA ASP A 144 7.26 0.15 11.29
C ASP A 144 5.73 0.11 11.52
N ALA A 145 4.94 0.52 10.52
CA ALA A 145 3.48 0.52 10.66
C ALA A 145 2.95 -0.91 10.88
N ILE A 146 3.48 -1.86 10.12
CA ILE A 146 3.05 -3.25 10.26
C ILE A 146 3.46 -3.83 11.63
N GLU A 147 4.69 -3.56 12.06
CA GLU A 147 5.14 -3.95 13.41
C GLU A 147 4.23 -3.44 14.55
N ASP A 148 3.88 -2.15 14.49
N ASP A 148 3.88 -2.16 14.50
N ASP A 148 3.88 -2.15 14.49
CA ASP A 148 3.00 -1.53 15.49
CA ASP A 148 3.00 -1.54 15.51
CA ASP A 148 3.00 -1.53 15.49
C ASP A 148 1.61 -2.18 15.52
C ASP A 148 1.63 -2.22 15.52
C ASP A 148 1.61 -2.18 15.52
N PHE A 149 1.06 -2.43 14.33
CA PHE A 149 -0.25 -3.13 14.17
C PHE A 149 -0.26 -4.55 14.78
N VAL A 150 0.82 -5.29 14.55
CA VAL A 150 1.02 -6.62 15.17
C VAL A 150 1.21 -6.52 16.69
N GLN A 151 2.06 -5.59 17.14
CA GLN A 151 2.35 -5.43 18.59
C GLN A 151 1.09 -5.12 19.40
N LYS A 152 0.20 -4.31 18.85
CA LYS A 152 -1.08 -3.96 19.48
C LYS A 152 -2.17 -5.05 19.46
N GLY A 153 -1.88 -6.20 18.85
CA GLY A 153 -2.84 -7.30 18.73
C GLY A 153 -3.94 -7.05 17.73
N SER A 154 -3.70 -6.15 16.76
CA SER A 154 -4.76 -5.73 15.82
C SER A 154 -4.91 -6.64 14.58
N ALA A 155 -3.89 -7.44 14.28
CA ALA A 155 -3.95 -8.36 13.13
C ALA A 155 -4.86 -9.53 13.44
N GLN A 156 -5.98 -9.62 12.73
CA GLN A 156 -6.98 -10.70 12.87
C GLN A 156 -7.31 -11.27 11.47
N SER A 157 -7.97 -10.47 10.63
N SER A 157 -7.97 -10.47 10.62
N SER A 157 -7.97 -10.47 10.63
CA SER A 157 -8.29 -10.85 9.25
CA SER A 157 -8.29 -10.86 9.25
CA SER A 157 -8.29 -10.85 9.25
C SER A 157 -7.10 -10.69 8.29
C SER A 157 -7.09 -10.69 8.30
C SER A 157 -7.10 -10.69 8.29
N VAL A 158 -6.29 -9.64 8.48
CA VAL A 158 -5.13 -9.35 7.58
C VAL A 158 -4.01 -10.40 7.72
N LYS A 159 -3.69 -11.07 6.60
CA LYS A 159 -2.69 -12.16 6.54
C LYS A 159 -1.50 -11.89 5.61
N LYS A 160 -1.64 -11.00 4.61
CA LYS A 160 -0.61 -10.81 3.59
C LYS A 160 -0.55 -9.34 3.17
N VAL A 161 0.66 -8.76 3.25
CA VAL A 161 0.91 -7.38 2.80
C VAL A 161 2.08 -7.43 1.83
N LYS A 162 1.83 -7.03 0.58
CA LYS A 162 2.84 -7.08 -0.51
C LYS A 162 3.13 -5.67 -1.06
N VAL A 163 4.41 -5.30 -1.16
CA VAL A 163 4.80 -4.03 -1.80
C VAL A 163 5.30 -4.38 -3.20
N VAL A 164 4.62 -3.87 -4.23
CA VAL A 164 5.07 -4.04 -5.63
C VAL A 164 5.63 -2.69 -6.08
N ILE A 165 6.91 -2.70 -6.49
CA ILE A 165 7.74 -1.50 -6.60
C ILE A 165 8.17 -1.25 -8.05
N PHE A 166 7.99 -0.02 -8.54
CA PHE A 166 8.29 0.32 -9.96
C PHE A 166 9.79 0.14 -10.30
N LEU A 167 10.67 0.72 -9.48
CA LEU A 167 12.12 0.68 -9.78
C LEU A 167 12.86 -0.43 -9.02
N PRO A 168 13.60 -1.30 -9.77
CA PRO A 168 14.46 -2.29 -9.09
C PRO A 168 15.41 -1.72 -8.03
N GLN A 169 15.98 -0.54 -8.27
CA GLN A 169 16.84 0.09 -7.25
C GLN A 169 16.13 0.38 -5.92
N VAL A 170 14.82 0.65 -5.96
CA VAL A 170 14.03 0.85 -4.73
C VAL A 170 13.74 -0.51 -4.06
N LEU A 171 13.50 -1.55 -4.85
CA LEU A 171 13.39 -2.89 -4.28
C LEU A 171 14.62 -3.29 -3.44
N ASP A 172 15.82 -2.93 -3.91
CA ASP A 172 17.05 -3.21 -3.16
C ASP A 172 17.05 -2.59 -1.74
N VAL A 173 16.53 -1.37 -1.62
CA VAL A 173 16.42 -0.66 -0.35
C VAL A 173 15.46 -1.40 0.60
N PHE A 174 14.32 -1.87 0.08
CA PHE A 174 13.37 -2.66 0.90
C PHE A 174 13.98 -3.99 1.38
N TYR A 175 14.65 -4.70 0.49
CA TYR A 175 15.34 -5.95 0.85
C TYR A 175 16.36 -5.73 1.98
N ALA A 176 17.18 -4.67 1.86
CA ALA A 176 18.17 -4.39 2.92
C ALA A 176 17.50 -4.12 4.26
N ASN A 177 16.37 -3.43 4.24
CA ASN A 177 15.65 -3.15 5.50
C ASN A 177 15.12 -4.46 6.14
N MET A 178 14.56 -5.35 5.31
CA MET A 178 14.12 -6.67 5.79
C MET A 178 15.28 -7.46 6.45
N LYS A 179 16.45 -7.46 5.80
CA LYS A 179 17.62 -8.18 6.35
C LYS A 179 18.10 -7.57 7.67
N LYS A 180 18.00 -6.25 7.80
CA LYS A 180 18.35 -5.56 9.05
C LYS A 180 17.47 -6.08 10.20
N ARG A 181 16.18 -6.30 9.94
CA ARG A 181 15.23 -6.69 10.98
C ARG A 181 15.12 -8.18 11.28
N GLU A 182 15.60 -9.05 10.39
CA GLU A 182 15.24 -10.48 10.47
C GLU A 182 15.75 -11.12 11.77
N GLY A 183 15.02 -12.14 12.23
CA GLY A 183 15.39 -12.86 13.45
C GLY A 183 16.61 -13.74 13.30
#